data_6ZFZ
#
_entry.id   6ZFZ
#
_cell.length_a   62.341
_cell.length_b   65.631
_cell.length_c   156.596
_cell.angle_alpha   90.000
_cell.angle_beta   90.000
_cell.angle_gamma   90.000
#
_symmetry.space_group_name_H-M   'P 21 21 21'
#
loop_
_entity.id
_entity.type
_entity.pdbx_description
1 polymer 'Muscarinic acetylcholine receptor M1,Endolysin,Muscarinic acetylcholine receptor M1'
2 non-polymer 1-[3-(4-butylpiperidin-1-yl)propyl]-3,4-dihydroquinolin-2-one
3 non-polymer 'OLEIC ACID'
4 non-polymer 'PHOSPHATE ION'
5 non-polymer '(2R)-2,3-dihydroxypropyl (9Z)-octadec-9-enoate'
6 non-polymer '4-(2-HYDROXYETHYL)-1-PIPERAZINE ETHANESULFONIC ACID'
7 non-polymer 'TRIETHYLENE GLYCOL'
8 water water
#
_entity_poly.entity_id   1
_entity_poly.type   'polypeptide(L)'
_entity_poly.pdbx_seq_one_letter_code
;METVEMVAIATVAGLLSLATVTGNILLMLSIKVNRQLQTVNNYFAFSLACADLIIGAFSMNLYTVYIIMGHWALGALACD
LALALDYVASNAAVMNLLLISFDRYFSVTRPLSYRAKRTPRRALLMIGLAWLVSFVLWAPAILFWQYLVGERTVLAGQCY
IQFLSQPIITFGTAMATFYLPVTVMCTLYWRIYRETENRANIFEMLRIDEGLRLKIYKDTEGYYTIGIGHLLTKSPSLNA
AKSELDKAIGRNTNGVITKDEAEKLFNQDVDAAVRGILRNAKLKPVYDSLDAVRRAALINMVFQMGETGVAGFTNSLRML
QQKRWDEAAVNLAKSRWYNQTPNRAKRVITTFRTGTWDAYTFSLVKEKAALRTLSAILLAFILTWTPYNIMVLVSTFCKD
CVPETLWELGYWLCYVNATINPMCYALCNKAFRDTFRLLLLARWDHHHHHHHHHH
;
_entity_poly.pdbx_strand_id   A
#
# COMPACT_ATOMS: atom_id res chain seq x y z
N MET A 1 -15.21 35.75 23.44
CA MET A 1 -15.07 35.78 21.99
C MET A 1 -16.13 36.69 21.37
N GLU A 2 -15.70 37.64 20.52
CA GLU A 2 -16.61 38.59 19.85
C GLU A 2 -17.43 37.90 18.74
N THR A 3 -18.58 38.52 18.39
CA THR A 3 -19.53 38.00 17.40
C THR A 3 -18.91 37.80 15.99
N VAL A 4 -18.00 38.70 15.56
CA VAL A 4 -17.34 38.60 14.24
C VAL A 4 -16.34 37.41 14.21
N GLU A 5 -15.71 37.09 15.37
CA GLU A 5 -14.78 35.97 15.51
C GLU A 5 -15.54 34.64 15.49
N MET A 6 -16.72 34.58 16.14
CA MET A 6 -17.58 33.40 16.22
C MET A 6 -18.12 33.00 14.84
N VAL A 7 -18.53 33.99 14.02
CA VAL A 7 -19.06 33.80 12.65
C VAL A 7 -17.97 33.29 11.70
N ALA A 8 -16.76 33.91 11.75
CA ALA A 8 -15.60 33.56 10.94
C ALA A 8 -15.13 32.12 11.20
N ILE A 9 -15.09 31.70 12.48
CA ILE A 9 -14.68 30.35 12.86
C ILE A 9 -15.72 29.34 12.35
N ALA A 10 -17.02 29.61 12.60
CA ALA A 10 -18.14 28.76 12.18
C ALA A 10 -18.19 28.53 10.66
N THR A 11 -17.86 29.57 9.86
CA THR A 11 -17.85 29.52 8.40
C THR A 11 -16.71 28.64 7.88
N VAL A 12 -15.45 28.93 8.28
CA VAL A 12 -14.25 28.21 7.87
C VAL A 12 -14.30 26.72 8.30
N ALA A 13 -14.64 26.46 9.58
CA ALA A 13 -14.75 25.10 10.12
C ALA A 13 -15.93 24.32 9.54
N GLY A 14 -17.03 25.03 9.24
CA GLY A 14 -18.23 24.47 8.65
C GLY A 14 -17.99 24.03 7.22
N LEU A 15 -17.28 24.87 6.43
CA LEU A 15 -16.90 24.58 5.05
C LEU A 15 -15.88 23.44 5.03
N LEU A 16 -15.00 23.39 6.06
CA LEU A 16 -13.99 22.33 6.21
C LEU A 16 -14.67 20.99 6.45
N SER A 17 -15.70 20.98 7.33
CA SER A 17 -16.48 19.78 7.64
C SER A 17 -17.22 19.29 6.38
N LEU A 18 -17.82 20.23 5.62
CA LEU A 18 -18.55 19.96 4.39
C LEU A 18 -17.64 19.32 3.35
N ALA A 19 -16.39 19.82 3.20
CA ALA A 19 -15.38 19.29 2.27
C ALA A 19 -14.90 17.90 2.69
N THR A 20 -14.86 17.65 4.02
CA THR A 20 -14.44 16.39 4.61
C THR A 20 -15.53 15.33 4.45
N VAL A 21 -16.81 15.68 4.71
CA VAL A 21 -17.91 14.72 4.58
C VAL A 21 -18.16 14.39 3.11
N THR A 22 -18.09 15.40 2.21
CA THR A 22 -18.27 15.23 0.76
C THR A 22 -17.21 14.32 0.15
N GLY A 23 -15.93 14.60 0.42
CA GLY A 23 -14.81 13.83 -0.08
C GLY A 23 -14.81 12.37 0.32
N ASN A 24 -15.16 12.09 1.58
CA ASN A 24 -15.18 10.73 2.10
C ASN A 24 -16.43 9.95 1.64
N ILE A 25 -17.57 10.63 1.42
CA ILE A 25 -18.80 10.01 0.87
C ILE A 25 -18.54 9.70 -0.62
N LEU A 26 -17.87 10.62 -1.35
CA LEU A 26 -17.46 10.43 -2.74
C LEU A 26 -16.55 9.22 -2.88
N LEU A 27 -15.65 9.01 -1.92
CA LEU A 27 -14.73 7.87 -1.90
C LEU A 27 -15.50 6.54 -1.71
N MET A 28 -16.45 6.51 -0.74
CA MET A 28 -17.29 5.35 -0.41
C MET A 28 -18.24 4.97 -1.55
N LEU A 29 -18.89 5.97 -2.18
CA LEU A 29 -19.82 5.76 -3.27
C LEU A 29 -19.14 5.34 -4.55
N SER A 30 -17.89 5.82 -4.80
CA SER A 30 -17.08 5.46 -5.97
C SER A 30 -16.77 3.97 -5.99
N ILE A 31 -16.45 3.40 -4.80
CA ILE A 31 -16.17 1.97 -4.63
C ILE A 31 -17.48 1.17 -4.83
N LYS A 32 -18.60 1.71 -4.31
CA LYS A 32 -19.94 1.13 -4.41
C LYS A 32 -20.49 1.05 -5.86
N VAL A 33 -20.41 2.14 -6.64
CA VAL A 33 -20.98 2.21 -8.00
C VAL A 33 -20.07 1.64 -9.12
N ASN A 34 -18.73 1.72 -8.98
CA ASN A 34 -17.76 1.26 -9.99
C ASN A 34 -17.10 -0.07 -9.60
N ARG A 35 -17.39 -1.13 -10.38
CA ARG A 35 -16.87 -2.49 -10.17
C ARG A 35 -15.34 -2.59 -10.25
N GLN A 36 -14.69 -1.79 -11.12
CA GLN A 36 -13.23 -1.76 -11.29
C GLN A 36 -12.51 -1.30 -10.02
N LEU A 37 -13.20 -0.56 -9.13
CA LEU A 37 -12.67 -0.07 -7.85
C LEU A 37 -12.96 -1.03 -6.70
N GLN A 38 -13.62 -2.18 -6.97
CA GLN A 38 -13.96 -3.18 -5.96
C GLN A 38 -12.85 -4.23 -5.76
N THR A 39 -11.64 -3.75 -5.49
CA THR A 39 -10.44 -4.56 -5.23
C THR A 39 -10.20 -4.65 -3.72
N VAL A 40 -9.52 -5.73 -3.27
CA VAL A 40 -9.17 -6.03 -1.87
C VAL A 40 -8.53 -4.83 -1.14
N ASN A 41 -7.57 -4.12 -1.80
CA ASN A 41 -6.90 -2.97 -1.17
C ASN A 41 -7.83 -1.76 -1.00
N ASN A 42 -8.88 -1.63 -1.85
CA ASN A 42 -9.85 -0.55 -1.73
C ASN A 42 -10.88 -0.76 -0.61
N TYR A 43 -10.92 -1.99 -0.05
CA TYR A 43 -11.76 -2.32 1.11
C TYR A 43 -11.21 -1.54 2.31
N PHE A 44 -9.86 -1.47 2.40
CA PHE A 44 -9.12 -0.73 3.43
C PHE A 44 -9.28 0.79 3.21
N ALA A 45 -9.38 1.23 1.93
CA ALA A 45 -9.60 2.64 1.58
C ALA A 45 -10.99 3.06 2.05
N PHE A 46 -12.00 2.18 1.84
CA PHE A 46 -13.40 2.37 2.27
C PHE A 46 -13.45 2.47 3.80
N SER A 47 -12.70 1.59 4.52
CA SER A 47 -12.62 1.56 5.98
C SER A 47 -12.00 2.84 6.52
N LEU A 48 -10.98 3.37 5.81
CA LEU A 48 -10.31 4.62 6.15
C LEU A 48 -11.26 5.81 5.94
N ALA A 49 -12.08 5.76 4.86
CA ALA A 49 -13.08 6.77 4.51
C ALA A 49 -14.14 6.90 5.60
N CYS A 50 -14.51 5.76 6.25
CA CYS A 50 -15.47 5.63 7.35
C CYS A 50 -14.97 6.35 8.59
N ALA A 51 -13.69 6.15 8.95
CA ALA A 51 -13.02 6.78 10.09
C ALA A 51 -12.91 8.29 9.86
N ASP A 52 -12.64 8.70 8.61
CA ASP A 52 -12.51 10.09 8.21
C ASP A 52 -13.86 10.80 8.14
N LEU A 53 -14.95 10.06 7.81
CA LEU A 53 -16.32 10.59 7.80
C LEU A 53 -16.76 10.93 9.24
N ILE A 54 -16.39 10.08 10.24
CA ILE A 54 -16.67 10.30 11.67
C ILE A 54 -15.95 11.57 12.13
N ILE A 55 -14.68 11.73 11.72
CA ILE A 55 -13.87 12.91 12.02
C ILE A 55 -14.54 14.18 11.44
N GLY A 56 -14.94 14.12 10.17
CA GLY A 56 -15.59 15.22 9.48
C GLY A 56 -16.95 15.62 10.00
N ALA A 57 -17.86 14.65 10.16
CA ALA A 57 -19.22 14.91 10.64
C ALA A 57 -19.33 15.15 12.14
N PHE A 58 -18.64 14.35 12.98
CA PHE A 58 -18.73 14.46 14.43
C PHE A 58 -17.64 15.33 15.07
N SER A 59 -16.37 14.85 15.06
CA SER A 59 -15.22 15.50 15.70
C SER A 59 -15.03 16.97 15.31
N MET A 60 -15.06 17.27 14.00
CA MET A 60 -14.91 18.65 13.51
C MET A 60 -16.00 19.59 14.02
N ASN A 61 -17.27 19.17 13.92
CA ASN A 61 -18.41 20.00 14.32
C ASN A 61 -18.55 20.17 15.84
N LEU A 62 -18.34 19.11 16.65
CA LEU A 62 -18.41 19.24 18.11
C LEU A 62 -17.24 20.07 18.65
N TYR A 63 -16.08 20.01 17.98
CA TYR A 63 -14.90 20.79 18.35
C TYR A 63 -15.11 22.26 18.03
N THR A 64 -15.83 22.56 16.93
CA THR A 64 -16.18 23.93 16.52
C THR A 64 -17.07 24.60 17.59
N VAL A 65 -18.03 23.83 18.15
CA VAL A 65 -18.93 24.28 19.22
C VAL A 65 -18.11 24.61 20.48
N TYR A 66 -17.19 23.71 20.86
CA TYR A 66 -16.28 23.84 22.00
C TYR A 66 -15.41 25.10 21.91
N ILE A 67 -14.86 25.40 20.70
CA ILE A 67 -14.02 26.58 20.45
C ILE A 67 -14.85 27.87 20.60
N ILE A 68 -15.94 27.99 19.83
CA ILE A 68 -16.85 29.13 19.79
C ILE A 68 -17.42 29.47 21.19
N MET A 69 -17.97 28.47 21.91
CA MET A 69 -18.54 28.65 23.25
C MET A 69 -17.50 28.92 24.33
N GLY A 70 -16.25 28.54 24.07
CA GLY A 70 -15.13 28.73 24.99
C GLY A 70 -15.07 27.76 26.15
N HIS A 71 -15.94 26.73 26.15
CA HIS A 71 -16.04 25.69 27.19
C HIS A 71 -16.94 24.53 26.72
N TRP A 72 -16.91 23.39 27.44
CA TRP A 72 -17.74 22.22 27.19
C TRP A 72 -19.05 22.41 27.98
N ALA A 73 -20.20 22.40 27.28
CA ALA A 73 -21.52 22.65 27.88
C ALA A 73 -22.51 21.47 27.90
N LEU A 74 -22.08 20.30 27.40
CA LEU A 74 -22.91 19.11 27.21
C LEU A 74 -22.86 18.06 28.36
N GLY A 75 -22.06 18.32 29.39
CA GLY A 75 -21.93 17.42 30.55
C GLY A 75 -20.72 16.52 30.52
N ALA A 76 -20.46 15.83 31.66
CA ALA A 76 -19.34 14.91 31.85
C ALA A 76 -19.45 13.62 31.05
N LEU A 77 -20.67 13.07 30.95
CA LEU A 77 -20.91 11.83 30.19
C LEU A 77 -20.69 12.07 28.69
N ALA A 78 -21.26 13.16 28.15
CA ALA A 78 -21.10 13.56 26.74
C ALA A 78 -19.62 13.84 26.42
N CYS A 79 -18.84 14.35 27.40
CA CYS A 79 -17.42 14.62 27.23
C CYS A 79 -16.64 13.32 27.02
N ASP A 80 -16.78 12.36 27.96
CA ASP A 80 -16.12 11.05 27.90
C ASP A 80 -16.49 10.24 26.65
N LEU A 81 -17.77 10.30 26.24
CA LEU A 81 -18.28 9.61 25.04
C LEU A 81 -17.78 10.25 23.74
N ALA A 82 -17.69 11.61 23.69
CA ALA A 82 -17.17 12.36 22.53
C ALA A 82 -15.65 12.14 22.38
N LEU A 83 -14.90 12.10 23.51
CA LEU A 83 -13.45 11.85 23.48
C LEU A 83 -13.16 10.42 23.05
N ALA A 84 -13.94 9.44 23.56
CA ALA A 84 -13.80 8.03 23.19
C ALA A 84 -14.00 7.88 21.68
N LEU A 85 -15.06 8.51 21.11
CA LEU A 85 -15.35 8.46 19.67
C LEU A 85 -14.26 9.14 18.83
N ASP A 86 -13.75 10.29 19.28
CA ASP A 86 -12.69 11.03 18.60
C ASP A 86 -11.36 10.26 18.52
N TYR A 87 -10.91 9.70 19.66
CA TYR A 87 -9.67 8.94 19.77
C TYR A 87 -9.74 7.57 19.11
N VAL A 88 -10.90 6.88 19.19
CA VAL A 88 -11.12 5.57 18.55
C VAL A 88 -11.07 5.71 17.01
N ALA A 89 -11.76 6.74 16.44
CA ALA A 89 -11.80 7.03 15.00
C ALA A 89 -10.41 7.42 14.45
N SER A 90 -9.67 8.30 15.16
CA SER A 90 -8.32 8.74 14.82
C SER A 90 -7.34 7.56 14.83
N ASN A 91 -7.43 6.68 15.85
CA ASN A 91 -6.60 5.48 15.97
C ASN A 91 -6.92 4.47 14.86
N ALA A 92 -8.23 4.33 14.51
CA ALA A 92 -8.68 3.42 13.45
C ALA A 92 -8.13 3.86 12.09
N ALA A 93 -7.99 5.19 11.86
CA ALA A 93 -7.43 5.77 10.63
C ALA A 93 -5.97 5.34 10.45
N VAL A 94 -5.18 5.35 11.55
CA VAL A 94 -3.78 4.93 11.57
C VAL A 94 -3.67 3.43 11.27
N MET A 95 -4.56 2.61 11.86
CA MET A 95 -4.54 1.16 11.68
C MET A 95 -4.91 0.74 10.27
N ASN A 96 -5.79 1.52 9.60
CA ASN A 96 -6.16 1.28 8.20
C ASN A 96 -4.97 1.65 7.29
N LEU A 97 -4.22 2.71 7.64
CA LEU A 97 -3.02 3.11 6.91
C LEU A 97 -1.94 2.01 7.02
N LEU A 98 -1.87 1.34 8.20
CA LEU A 98 -0.96 0.21 8.41
C LEU A 98 -1.43 -1.00 7.59
N LEU A 99 -2.76 -1.22 7.51
CA LEU A 99 -3.37 -2.30 6.73
C LEU A 99 -3.11 -2.14 5.23
N ILE A 100 -3.16 -0.90 4.71
CA ILE A 100 -2.90 -0.57 3.30
C ILE A 100 -1.43 -0.90 2.99
N SER A 101 -0.49 -0.39 3.83
CA SER A 101 0.95 -0.58 3.72
C SER A 101 1.36 -2.05 3.73
N PHE A 102 0.90 -2.83 4.73
CA PHE A 102 1.22 -4.26 4.84
C PHE A 102 0.67 -5.10 3.68
N ASP A 103 -0.57 -4.82 3.24
CA ASP A 103 -1.20 -5.54 2.12
C ASP A 103 -0.42 -5.35 0.82
N ARG A 104 -0.03 -4.10 0.51
CA ARG A 104 0.74 -3.72 -0.66
C ARG A 104 2.17 -4.28 -0.58
N TYR A 105 2.70 -4.45 0.65
CA TYR A 105 4.02 -5.00 0.92
C TYR A 105 4.06 -6.50 0.59
N PHE A 106 3.09 -7.27 1.09
CA PHE A 106 3.04 -8.71 0.83
C PHE A 106 2.62 -9.05 -0.59
N SER A 107 1.80 -8.19 -1.24
CA SER A 107 1.35 -8.42 -2.63
C SER A 107 2.45 -8.13 -3.67
N VAL A 108 3.41 -7.24 -3.35
CA VAL A 108 4.52 -6.89 -4.23
C VAL A 108 5.72 -7.85 -3.97
N THR A 109 6.04 -8.14 -2.69
CA THR A 109 7.14 -9.04 -2.33
C THR A 109 6.82 -10.51 -2.57
N ARG A 110 5.57 -10.93 -2.25
CA ARG A 110 5.11 -12.33 -2.41
C ARG A 110 3.81 -12.39 -3.27
N PRO A 111 3.85 -12.08 -4.60
CA PRO A 111 2.61 -12.10 -5.40
C PRO A 111 1.98 -13.47 -5.68
N LEU A 112 2.62 -14.58 -5.27
CA LEU A 112 2.08 -15.92 -5.50
C LEU A 112 1.40 -16.50 -4.25
N SER A 113 2.15 -16.65 -3.14
CA SER A 113 1.65 -17.22 -1.89
C SER A 113 0.62 -16.35 -1.16
N TYR A 114 0.84 -15.02 -1.12
CA TYR A 114 -0.06 -14.08 -0.46
C TYR A 114 -1.37 -13.85 -1.22
N ARG A 115 -1.34 -13.91 -2.56
CA ARG A 115 -2.53 -13.71 -3.41
C ARG A 115 -3.57 -14.86 -3.30
N ALA A 116 -3.19 -15.97 -2.64
CA ALA A 116 -4.07 -17.10 -2.38
C ALA A 116 -4.84 -16.83 -1.09
N LYS A 117 -4.28 -15.96 -0.23
CA LYS A 117 -4.80 -15.54 1.07
C LYS A 117 -5.48 -14.16 1.00
N ARG A 118 -5.12 -13.34 -0.01
CA ARG A 118 -5.64 -11.99 -0.24
C ARG A 118 -7.06 -12.03 -0.86
N THR A 119 -8.08 -12.26 -0.01
CA THR A 119 -9.50 -12.33 -0.42
C THR A 119 -10.31 -11.21 0.26
N PRO A 120 -11.53 -10.83 -0.26
CA PRO A 120 -12.33 -9.81 0.44
C PRO A 120 -12.70 -10.22 1.86
N ARG A 121 -12.88 -11.54 2.09
CA ARG A 121 -13.22 -12.15 3.38
C ARG A 121 -12.15 -11.88 4.45
N ARG A 122 -10.86 -12.07 4.11
CA ARG A 122 -9.75 -11.83 5.03
C ARG A 122 -9.53 -10.32 5.24
N ALA A 123 -9.82 -9.50 4.21
CA ALA A 123 -9.71 -8.05 4.28
C ALA A 123 -10.76 -7.51 5.25
N LEU A 124 -12.02 -8.01 5.15
CA LEU A 124 -13.14 -7.64 6.03
C LEU A 124 -12.84 -7.99 7.49
N LEU A 125 -12.12 -9.10 7.71
CA LEU A 125 -11.69 -9.58 9.03
C LEU A 125 -10.65 -8.64 9.64
N MET A 126 -9.62 -8.26 8.86
CA MET A 126 -8.55 -7.36 9.31
C MET A 126 -9.07 -5.96 9.58
N ILE A 127 -10.08 -5.51 8.82
CA ILE A 127 -10.74 -4.21 8.96
C ILE A 127 -11.48 -4.18 10.31
N GLY A 128 -12.25 -5.23 10.58
CA GLY A 128 -13.02 -5.38 11.81
C GLY A 128 -12.16 -5.47 13.05
N LEU A 129 -11.01 -6.18 12.96
CA LEU A 129 -10.06 -6.30 14.07
C LEU A 129 -9.36 -4.97 14.35
N ALA A 130 -9.04 -4.18 13.30
CA ALA A 130 -8.43 -2.85 13.43
C ALA A 130 -9.35 -1.88 14.18
N TRP A 131 -10.68 -1.97 13.93
CA TRP A 131 -11.70 -1.14 14.58
C TRP A 131 -11.91 -1.57 16.03
N LEU A 132 -11.91 -2.88 16.30
CA LEU A 132 -12.10 -3.46 17.62
C LEU A 132 -10.91 -3.20 18.54
N VAL A 133 -9.67 -3.34 18.02
CA VAL A 133 -8.42 -3.08 18.77
C VAL A 133 -8.39 -1.60 19.18
N SER A 134 -8.77 -0.69 18.28
CA SER A 134 -8.81 0.76 18.51
C SER A 134 -9.79 1.12 19.64
N PHE A 135 -10.93 0.41 19.69
CA PHE A 135 -11.99 0.58 20.70
C PHE A 135 -11.51 0.12 22.08
N VAL A 136 -10.95 -1.09 22.17
CA VAL A 136 -10.45 -1.70 23.41
C VAL A 136 -9.23 -0.94 23.97
N LEU A 137 -8.41 -0.32 23.08
CA LEU A 137 -7.23 0.43 23.52
C LEU A 137 -7.57 1.75 24.20
N TRP A 138 -8.53 2.51 23.63
CA TRP A 138 -8.90 3.84 24.11
C TRP A 138 -10.15 3.93 24.99
N ALA A 139 -11.32 3.48 24.49
CA ALA A 139 -12.61 3.61 25.19
C ALA A 139 -12.62 3.16 26.68
N PRO A 140 -12.10 1.96 27.10
CA PRO A 140 -12.14 1.63 28.53
C PRO A 140 -11.37 2.60 29.43
N ALA A 141 -10.13 2.98 29.03
CA ALA A 141 -9.25 3.90 29.76
C ALA A 141 -9.87 5.30 29.92
N ILE A 142 -10.47 5.83 28.84
CA ILE A 142 -11.11 7.15 28.81
C ILE A 142 -12.32 7.19 29.78
N LEU A 143 -13.18 6.18 29.73
CA LEU A 143 -14.40 6.14 30.54
C LEU A 143 -14.21 5.78 32.02
N PHE A 144 -13.24 4.89 32.32
CA PHE A 144 -13.10 4.34 33.68
C PHE A 144 -11.87 4.76 34.48
N TRP A 145 -10.99 5.64 33.96
CA TRP A 145 -9.82 6.07 34.73
C TRP A 145 -10.22 6.79 36.01
N GLN A 146 -11.25 7.67 35.93
CA GLN A 146 -11.81 8.41 37.07
C GLN A 146 -12.23 7.47 38.21
N TYR A 147 -12.79 6.29 37.89
CA TYR A 147 -13.23 5.29 38.86
C TYR A 147 -12.07 4.53 39.48
N LEU A 148 -10.97 4.33 38.70
CA LEU A 148 -9.77 3.64 39.20
C LEU A 148 -9.01 4.55 40.16
N VAL A 149 -8.81 5.82 39.77
CA VAL A 149 -8.08 6.81 40.56
C VAL A 149 -8.90 7.26 41.80
N GLY A 150 -10.23 7.32 41.68
CA GLY A 150 -11.10 7.67 42.79
C GLY A 150 -11.77 9.04 42.74
N GLU A 151 -11.43 9.87 41.75
CA GLU A 151 -12.00 11.20 41.54
C GLU A 151 -11.95 11.57 40.05
N ARG A 152 -12.94 12.37 39.58
CA ARG A 152 -12.93 12.94 38.24
C ARG A 152 -12.30 14.32 38.44
N THR A 153 -11.07 14.49 37.94
CA THR A 153 -10.33 15.73 38.17
C THR A 153 -10.47 16.71 37.00
N VAL A 154 -11.20 16.30 35.95
CA VAL A 154 -11.52 17.15 34.80
C VAL A 154 -12.65 18.07 35.31
N LEU A 155 -12.42 19.39 35.32
CA LEU A 155 -13.41 20.35 35.83
C LEU A 155 -14.59 20.52 34.88
N ALA A 156 -15.74 20.98 35.41
CA ALA A 156 -16.95 21.25 34.61
C ALA A 156 -16.67 22.42 33.66
N GLY A 157 -16.87 22.18 32.37
CA GLY A 157 -16.58 23.17 31.33
C GLY A 157 -15.33 22.81 30.56
N GLN A 158 -14.56 21.84 31.08
CA GLN A 158 -13.35 21.33 30.46
C GLN A 158 -13.64 19.95 29.89
N CYS A 159 -12.92 19.57 28.83
CA CYS A 159 -13.05 18.25 28.21
C CYS A 159 -11.71 17.77 27.68
N TYR A 160 -11.11 16.82 28.42
CA TYR A 160 -9.82 16.21 28.10
C TYR A 160 -9.72 14.82 28.76
N ILE A 161 -8.75 14.01 28.34
CA ILE A 161 -8.54 12.68 28.88
C ILE A 161 -7.75 12.77 30.18
N GLN A 162 -8.34 12.24 31.25
CA GLN A 162 -7.75 12.26 32.59
C GLN A 162 -6.52 11.35 32.75
N PHE A 163 -6.47 10.18 32.07
CA PHE A 163 -5.35 9.24 32.23
C PHE A 163 -4.04 9.80 31.65
N LEU A 164 -4.13 10.83 30.80
CA LEU A 164 -2.95 11.48 30.21
C LEU A 164 -2.51 12.65 31.11
N SER A 165 -2.13 12.35 32.36
CA SER A 165 -1.68 13.36 33.32
C SER A 165 -0.33 13.93 32.91
N GLN A 166 0.76 13.17 33.13
CA GLN A 166 2.11 13.59 32.76
C GLN A 166 2.29 13.58 31.23
N PRO A 167 3.01 14.57 30.64
CA PRO A 167 3.23 14.57 29.19
C PRO A 167 4.00 13.35 28.68
N ILE A 168 4.72 12.64 29.57
CA ILE A 168 5.46 11.41 29.26
C ILE A 168 4.50 10.24 28.93
N ILE A 169 3.29 10.25 29.55
CA ILE A 169 2.24 9.27 29.29
C ILE A 169 1.66 9.54 27.91
N THR A 170 1.51 10.86 27.57
CA THR A 170 1.02 11.32 26.27
C THR A 170 2.06 10.97 25.19
N PHE A 171 3.37 11.08 25.52
CA PHE A 171 4.47 10.75 24.62
C PHE A 171 4.49 9.27 24.26
N GLY A 172 4.11 8.41 25.21
CA GLY A 172 3.99 6.97 25.00
C GLY A 172 2.94 6.66 23.96
N THR A 173 1.78 7.37 24.03
CA THR A 173 0.67 7.23 23.08
C THR A 173 1.05 7.81 21.71
N ALA A 174 1.90 8.87 21.69
CA ALA A 174 2.38 9.49 20.45
C ALA A 174 3.35 8.54 19.74
N MET A 175 4.17 7.80 20.52
CA MET A 175 5.12 6.78 20.02
C MET A 175 4.30 5.62 19.42
N ALA A 176 3.22 5.22 20.11
CA ALA A 176 2.34 4.13 19.69
C ALA A 176 1.44 4.44 18.49
N THR A 177 0.95 5.70 18.36
CA THR A 177 0.02 6.08 17.29
C THR A 177 0.66 6.86 16.11
N PHE A 178 1.88 7.43 16.29
CA PHE A 178 2.48 8.21 15.21
C PHE A 178 3.95 7.85 14.90
N TYR A 179 4.88 8.06 15.84
CA TYR A 179 6.32 7.81 15.64
C TYR A 179 6.65 6.40 15.16
N LEU A 180 6.15 5.34 15.86
CA LEU A 180 6.41 3.96 15.44
C LEU A 180 5.64 3.60 14.14
N PRO A 181 4.30 3.86 14.00
CA PRO A 181 3.65 3.57 12.71
C PRO A 181 4.29 4.22 11.49
N VAL A 182 4.78 5.48 11.61
CA VAL A 182 5.47 6.23 10.53
C VAL A 182 6.78 5.51 10.14
N THR A 183 7.60 5.13 11.15
CA THR A 183 8.87 4.43 10.93
C THR A 183 8.66 3.12 10.18
N VAL A 184 7.62 2.36 10.56
CA VAL A 184 7.23 1.07 9.98
C VAL A 184 6.75 1.27 8.54
N MET A 185 5.84 2.24 8.30
CA MET A 185 5.30 2.51 6.97
C MET A 185 6.34 3.05 5.98
N CYS A 186 7.36 3.81 6.48
CA CYS A 186 8.46 4.33 5.67
C CYS A 186 9.41 3.19 5.28
N THR A 187 9.68 2.24 6.20
CA THR A 187 10.52 1.06 5.98
C THR A 187 9.83 0.14 4.96
N LEU A 188 8.51 -0.05 5.11
CA LEU A 188 7.66 -0.87 4.23
C LEU A 188 7.68 -0.30 2.81
N TYR A 189 7.42 1.02 2.63
CA TYR A 189 7.44 1.71 1.34
C TYR A 189 8.78 1.56 0.63
N TRP A 190 9.89 1.66 1.40
CA TRP A 190 11.27 1.54 0.91
CA TRP A 190 11.27 1.53 0.92
C TRP A 190 11.48 0.15 0.27
N ARG A 191 10.99 -0.93 0.93
CA ARG A 191 11.09 -2.30 0.45
C ARG A 191 10.17 -2.53 -0.75
N ILE A 192 8.97 -1.92 -0.74
CA ILE A 192 7.98 -1.99 -1.83
C ILE A 192 8.57 -1.38 -3.11
N TYR A 193 9.13 -0.15 -3.00
CA TYR A 193 9.74 0.56 -4.12
C TYR A 193 10.92 -0.23 -4.72
N ARG A 194 11.78 -0.80 -3.85
CA ARG A 194 12.95 -1.61 -4.21
C ARG A 194 12.54 -2.88 -4.96
N GLU A 195 11.51 -3.58 -4.46
CA GLU A 195 10.97 -4.80 -5.05
C GLU A 195 10.39 -4.51 -6.45
N THR A 196 9.57 -3.44 -6.55
CA THR A 196 8.93 -2.96 -7.79
C THR A 196 9.99 -2.65 -8.86
N GLU A 197 11.09 -1.96 -8.44
CA GLU A 197 12.21 -1.59 -9.29
CA GLU A 197 12.20 -1.59 -9.30
C GLU A 197 12.87 -2.85 -9.89
N ASN A 198 13.12 -3.87 -9.03
CA ASN A 198 13.74 -5.12 -9.46
C ASN A 198 12.83 -5.99 -10.34
N ARG A 199 11.54 -6.06 -10.00
CA ARG A 199 10.54 -6.85 -10.74
C ARG A 199 10.22 -6.28 -12.12
N ALA A 200 10.23 -4.93 -12.26
CA ALA A 200 9.98 -4.22 -13.50
C ALA A 200 11.14 -4.46 -14.46
N ASN A 201 12.38 -4.50 -13.93
CA ASN A 201 13.59 -4.78 -14.70
C ASN A 201 13.58 -6.20 -15.29
N ILE A 202 13.14 -7.21 -14.51
CA ILE A 202 12.99 -8.60 -14.97
C ILE A 202 11.90 -8.63 -16.07
N PHE A 203 10.77 -7.90 -15.85
CA PHE A 203 9.67 -7.80 -16.82
C PHE A 203 10.15 -7.26 -18.18
N GLU A 204 10.94 -6.17 -18.17
CA GLU A 204 11.50 -5.55 -19.37
C GLU A 204 12.52 -6.44 -20.08
N MET A 205 13.33 -7.20 -19.32
CA MET A 205 14.36 -8.11 -19.82
C MET A 205 13.73 -9.26 -20.64
N LEU A 206 12.66 -9.86 -20.08
CA LEU A 206 11.93 -10.97 -20.68
C LEU A 206 11.00 -10.54 -21.82
N ARG A 207 10.63 -9.24 -21.87
CA ARG A 207 9.80 -8.66 -22.91
C ARG A 207 10.61 -8.56 -24.21
N ILE A 208 11.90 -8.22 -24.09
CA ILE A 208 12.85 -8.11 -25.19
C ILE A 208 13.28 -9.52 -25.67
N ASP A 209 13.70 -10.37 -24.72
CA ASP A 209 14.21 -11.72 -24.95
C ASP A 209 13.17 -12.76 -25.35
N GLU A 210 12.01 -12.80 -24.68
CA GLU A 210 10.98 -13.80 -24.99
C GLU A 210 9.88 -13.27 -25.89
N GLY A 211 9.36 -12.08 -25.57
CA GLY A 211 8.28 -11.46 -26.31
C GLY A 211 6.98 -11.41 -25.51
N LEU A 212 6.21 -10.33 -25.68
CA LEU A 212 4.93 -10.13 -24.99
C LEU A 212 3.77 -10.19 -25.97
N ARG A 213 2.81 -11.10 -25.71
CA ARG A 213 1.62 -11.28 -26.55
C ARG A 213 0.38 -10.96 -25.72
N LEU A 214 -0.40 -9.96 -26.16
CA LEU A 214 -1.60 -9.53 -25.45
C LEU A 214 -2.87 -10.32 -25.80
N LYS A 215 -2.77 -11.22 -26.79
CA LYS A 215 -3.87 -12.10 -27.22
C LYS A 215 -3.44 -13.58 -27.13
N ILE A 216 -4.42 -14.49 -26.87
CA ILE A 216 -4.19 -15.94 -26.74
C ILE A 216 -3.51 -16.53 -27.98
N TYR A 217 -2.42 -17.26 -27.76
CA TYR A 217 -1.62 -17.93 -28.81
C TYR A 217 -1.25 -19.37 -28.40
N LYS A 218 -0.64 -20.13 -29.32
CA LYS A 218 -0.20 -21.50 -29.04
C LYS A 218 1.32 -21.56 -28.95
N ASP A 219 1.84 -22.25 -27.91
CA ASP A 219 3.28 -22.43 -27.70
C ASP A 219 3.85 -23.53 -28.62
N THR A 220 5.15 -23.89 -28.46
CA THR A 220 5.82 -24.94 -29.25
C THR A 220 5.15 -26.31 -29.10
N GLU A 221 4.59 -26.60 -27.91
CA GLU A 221 3.88 -27.85 -27.60
C GLU A 221 2.40 -27.81 -28.04
N GLY A 222 1.94 -26.67 -28.55
CA GLY A 222 0.59 -26.45 -29.02
C GLY A 222 -0.42 -26.03 -27.96
N TYR A 223 0.03 -25.78 -26.72
CA TYR A 223 -0.87 -25.38 -25.62
C TYR A 223 -1.16 -23.89 -25.63
N TYR A 224 -2.40 -23.51 -25.25
CA TYR A 224 -2.84 -22.10 -25.18
C TYR A 224 -2.10 -21.34 -24.09
N THR A 225 -1.45 -20.23 -24.51
CA THR A 225 -0.57 -19.37 -23.71
C THR A 225 -0.97 -17.87 -23.90
N ILE A 226 -0.45 -16.97 -23.04
CA ILE A 226 -0.66 -15.52 -23.05
C ILE A 226 0.52 -14.82 -22.33
N GLY A 227 0.70 -13.51 -22.58
CA GLY A 227 1.74 -12.68 -21.98
C GLY A 227 3.14 -13.11 -22.36
N ILE A 228 3.98 -13.36 -21.33
CA ILE A 228 5.35 -13.86 -21.50
C ILE A 228 5.37 -15.34 -21.06
N GLY A 229 5.00 -16.22 -21.99
CA GLY A 229 4.98 -17.67 -21.80
C GLY A 229 4.17 -18.21 -20.63
N HIS A 230 3.00 -17.59 -20.34
CA HIS A 230 2.13 -18.02 -19.25
C HIS A 230 1.10 -19.06 -19.74
N LEU A 231 1.34 -20.35 -19.41
CA LEU A 231 0.46 -21.46 -19.78
C LEU A 231 -0.91 -21.30 -19.12
N LEU A 232 -1.98 -21.37 -19.92
CA LEU A 232 -3.36 -21.23 -19.41
C LEU A 232 -4.00 -22.59 -19.17
N THR A 233 -3.85 -23.52 -20.13
CA THR A 233 -4.40 -24.88 -20.09
C THR A 233 -3.67 -25.81 -21.07
N LYS A 234 -3.68 -27.11 -20.78
CA LYS A 234 -3.11 -28.13 -21.66
C LYS A 234 -4.23 -28.79 -22.48
N SER A 235 -5.48 -28.37 -22.22
CA SER A 235 -6.70 -28.83 -22.90
C SER A 235 -6.77 -28.22 -24.31
N PRO A 236 -7.13 -29.03 -25.36
CA PRO A 236 -7.20 -28.47 -26.72
C PRO A 236 -8.50 -27.71 -27.02
N SER A 237 -8.81 -26.70 -26.19
CA SER A 237 -10.00 -25.85 -26.33
C SER A 237 -9.66 -24.39 -26.05
N LEU A 238 -10.28 -23.47 -26.82
CA LEU A 238 -10.10 -22.02 -26.67
C LEU A 238 -11.01 -21.48 -25.56
N ASN A 239 -12.21 -22.06 -25.39
CA ASN A 239 -13.17 -21.68 -24.35
C ASN A 239 -12.62 -22.01 -22.96
N ALA A 240 -11.92 -23.17 -22.84
CA ALA A 240 -11.26 -23.62 -21.61
C ALA A 240 -10.10 -22.67 -21.27
N ALA A 241 -9.38 -22.16 -22.31
CA ALA A 241 -8.29 -21.21 -22.17
C ALA A 241 -8.81 -19.84 -21.73
N LYS A 242 -9.96 -19.40 -22.28
CA LYS A 242 -10.60 -18.13 -21.93
C LYS A 242 -11.13 -18.16 -20.49
N SER A 243 -11.65 -19.34 -20.05
CA SER A 243 -12.17 -19.56 -18.70
C SER A 243 -11.07 -19.46 -17.65
N GLU A 244 -9.89 -20.05 -17.94
CA GLU A 244 -8.72 -20.02 -17.05
C GLU A 244 -8.13 -18.62 -16.97
N LEU A 245 -8.17 -17.86 -18.09
CA LEU A 245 -7.69 -16.48 -18.20
C LEU A 245 -8.60 -15.52 -17.43
N ASP A 246 -9.93 -15.67 -17.54
CA ASP A 246 -10.93 -14.84 -16.84
C ASP A 246 -10.88 -15.06 -15.33
N LYS A 247 -10.56 -16.30 -14.89
CA LYS A 247 -10.44 -16.70 -13.49
C LYS A 247 -9.20 -16.06 -12.85
N ALA A 248 -8.06 -16.06 -13.58
CA ALA A 248 -6.78 -15.50 -13.13
C ALA A 248 -6.76 -13.97 -13.10
N ILE A 249 -7.56 -13.31 -13.96
CA ILE A 249 -7.62 -11.86 -14.05
C ILE A 249 -8.74 -11.29 -13.17
N GLY A 250 -9.99 -11.71 -13.42
CA GLY A 250 -11.14 -11.25 -12.66
C GLY A 250 -12.15 -10.45 -13.46
N ARG A 251 -12.08 -10.55 -14.81
CA ARG A 251 -12.98 -9.86 -15.76
C ARG A 251 -13.11 -10.64 -17.07
N ASN A 252 -14.17 -10.36 -17.86
CA ASN A 252 -14.40 -10.99 -19.16
C ASN A 252 -13.44 -10.41 -20.20
N THR A 253 -12.23 -11.00 -20.26
CA THR A 253 -11.13 -10.59 -21.15
C THR A 253 -11.38 -10.98 -22.61
N ASN A 254 -11.97 -12.18 -22.82
CA ASN A 254 -12.27 -12.81 -24.12
C ASN A 254 -11.01 -12.96 -25.01
N GLY A 255 -9.94 -13.45 -24.39
CA GLY A 255 -8.67 -13.70 -25.07
C GLY A 255 -7.70 -12.54 -25.15
N VAL A 256 -8.17 -11.30 -24.89
CA VAL A 256 -7.34 -10.09 -24.97
C VAL A 256 -7.13 -9.49 -23.57
N ILE A 257 -5.85 -9.29 -23.18
CA ILE A 257 -5.44 -8.70 -21.89
C ILE A 257 -4.55 -7.47 -22.10
N THR A 258 -4.30 -6.70 -21.02
CA THR A 258 -3.45 -5.51 -21.04
C THR A 258 -2.02 -5.85 -20.55
N LYS A 259 -1.05 -4.93 -20.79
CA LYS A 259 0.36 -5.06 -20.39
C LYS A 259 0.50 -5.21 -18.86
N ASP A 260 -0.34 -4.46 -18.10
CA ASP A 260 -0.36 -4.50 -16.63
C ASP A 260 -0.87 -5.85 -16.10
N GLU A 261 -1.90 -6.42 -16.78
CA GLU A 261 -2.46 -7.73 -16.43
C GLU A 261 -1.46 -8.83 -16.76
N ALA A 262 -0.67 -8.64 -17.84
CA ALA A 262 0.39 -9.55 -18.27
C ALA A 262 1.58 -9.49 -17.31
N GLU A 263 1.85 -8.29 -16.74
CA GLU A 263 2.91 -8.07 -15.74
C GLU A 263 2.57 -8.76 -14.42
N LYS A 264 1.26 -8.76 -14.05
CA LYS A 264 0.73 -9.41 -12.85
C LYS A 264 0.91 -10.95 -12.96
N LEU A 265 0.59 -11.53 -14.14
CA LEU A 265 0.75 -12.96 -14.40
C LEU A 265 2.25 -13.32 -14.43
N PHE A 266 3.08 -12.42 -14.98
CA PHE A 266 4.53 -12.59 -15.07
C PHE A 266 5.18 -12.68 -13.69
N ASN A 267 4.81 -11.77 -12.75
CA ASN A 267 5.32 -11.73 -11.39
C ASN A 267 4.97 -12.97 -10.57
N GLN A 268 3.83 -13.61 -10.91
CA GLN A 268 3.39 -14.85 -10.28
C GLN A 268 4.32 -15.97 -10.78
N ASP A 269 4.68 -15.93 -12.08
CA ASP A 269 5.59 -16.88 -12.73
C ASP A 269 7.02 -16.72 -12.21
N VAL A 270 7.44 -15.47 -11.89
CA VAL A 270 8.76 -15.18 -11.33
C VAL A 270 8.90 -15.85 -9.95
N ASP A 271 7.89 -15.69 -9.07
CA ASP A 271 7.86 -16.30 -7.75
C ASP A 271 7.88 -17.82 -7.80
N ALA A 272 7.14 -18.43 -8.76
CA ALA A 272 7.12 -19.88 -8.96
C ALA A 272 8.50 -20.38 -9.43
N ALA A 273 9.20 -19.58 -10.27
CA ALA A 273 10.54 -19.88 -10.77
C ALA A 273 11.58 -19.78 -9.65
N VAL A 274 11.51 -18.68 -8.85
CA VAL A 274 12.40 -18.43 -7.70
C VAL A 274 12.20 -19.51 -6.62
N ARG A 275 10.94 -19.99 -6.44
CA ARG A 275 10.61 -21.07 -5.50
C ARG A 275 11.30 -22.38 -5.94
N GLY A 276 11.33 -22.62 -7.25
CA GLY A 276 11.99 -23.79 -7.84
C GLY A 276 13.47 -23.78 -7.61
N ILE A 277 14.14 -22.66 -7.98
CA ILE A 277 15.58 -22.39 -7.84
C ILE A 277 16.08 -22.66 -6.41
N LEU A 278 15.37 -22.12 -5.39
CA LEU A 278 15.72 -22.29 -3.97
C LEU A 278 15.51 -23.73 -3.48
N ARG A 279 14.62 -24.49 -4.15
CA ARG A 279 14.34 -25.90 -3.83
C ARG A 279 15.33 -26.82 -4.57
N ASN A 280 16.01 -26.29 -5.61
CA ASN A 280 17.00 -27.00 -6.41
C ASN A 280 18.38 -26.90 -5.74
N ALA A 281 18.99 -28.04 -5.41
CA ALA A 281 20.30 -28.13 -4.74
C ALA A 281 21.47 -27.55 -5.57
N LYS A 282 21.37 -27.62 -6.91
CA LYS A 282 22.39 -27.11 -7.83
C LYS A 282 22.29 -25.61 -8.08
N LEU A 283 21.07 -25.04 -8.01
CA LEU A 283 20.78 -23.64 -8.30
C LEU A 283 20.68 -22.71 -7.07
N LYS A 284 20.35 -23.24 -5.89
CA LYS A 284 20.21 -22.46 -4.66
C LYS A 284 21.52 -21.74 -4.21
N PRO A 285 22.72 -22.40 -4.12
CA PRO A 285 23.93 -21.68 -3.66
C PRO A 285 24.41 -20.57 -4.60
N VAL A 286 24.21 -20.72 -5.92
CA VAL A 286 24.61 -19.70 -6.90
C VAL A 286 23.65 -18.48 -6.81
N TYR A 287 22.33 -18.72 -6.76
CA TYR A 287 21.30 -17.67 -6.66
C TYR A 287 21.48 -16.77 -5.44
N ASP A 288 21.76 -17.36 -4.26
CA ASP A 288 21.98 -16.64 -3.00
C ASP A 288 23.22 -15.74 -3.06
N SER A 289 24.28 -16.20 -3.77
CA SER A 289 25.55 -15.48 -3.91
C SER A 289 25.54 -14.37 -4.99
N LEU A 290 24.52 -14.38 -5.88
CA LEU A 290 24.41 -13.39 -6.96
C LEU A 290 23.65 -12.12 -6.55
N ASP A 291 23.98 -10.99 -7.23
CA ASP A 291 23.34 -9.69 -7.07
C ASP A 291 22.01 -9.70 -7.85
N ALA A 292 21.14 -8.68 -7.63
CA ALA A 292 19.83 -8.55 -8.28
C ALA A 292 19.86 -8.61 -9.81
N VAL A 293 20.89 -8.02 -10.45
CA VAL A 293 21.05 -8.00 -11.91
C VAL A 293 21.40 -9.40 -12.46
N ARG A 294 22.37 -10.10 -11.82
CA ARG A 294 22.78 -11.45 -12.22
C ARG A 294 21.74 -12.51 -11.85
N ARG A 295 20.86 -12.22 -10.84
CA ARG A 295 19.77 -13.10 -10.42
C ARG A 295 18.69 -13.16 -11.52
N ALA A 296 18.43 -12.00 -12.16
CA ALA A 296 17.47 -11.84 -13.25
C ALA A 296 17.92 -12.62 -14.48
N ALA A 297 19.25 -12.65 -14.73
CA ALA A 297 19.89 -13.38 -15.83
C ALA A 297 19.67 -14.89 -15.68
N LEU A 298 19.74 -15.38 -14.43
CA LEU A 298 19.52 -16.78 -14.06
C LEU A 298 18.05 -17.16 -14.26
N ILE A 299 17.11 -16.29 -13.83
CA ILE A 299 15.65 -16.46 -13.97
C ILE A 299 15.28 -16.53 -15.46
N ASN A 300 15.90 -15.63 -16.27
CA ASN A 300 15.76 -15.58 -17.73
C ASN A 300 16.10 -16.96 -18.32
N MET A 301 17.24 -17.54 -17.90
CA MET A 301 17.70 -18.88 -18.30
C MET A 301 16.71 -19.96 -17.89
N VAL A 302 16.10 -19.84 -16.69
CA VAL A 302 15.12 -20.78 -16.14
C VAL A 302 13.82 -20.72 -16.99
N PHE A 303 13.38 -19.51 -17.36
CA PHE A 303 12.18 -19.28 -18.17
C PHE A 303 12.28 -19.91 -19.56
N GLN A 304 13.49 -19.93 -20.13
CA GLN A 304 13.77 -20.47 -21.46
C GLN A 304 13.92 -21.99 -21.53
N MET A 305 14.81 -22.59 -20.70
CA MET A 305 15.12 -24.02 -20.77
C MET A 305 14.71 -24.85 -19.54
N GLY A 306 14.11 -24.23 -18.54
CA GLY A 306 13.65 -24.91 -17.33
C GLY A 306 14.73 -25.12 -16.28
N GLU A 307 14.32 -25.69 -15.13
CA GLU A 307 15.17 -25.96 -13.96
C GLU A 307 16.32 -26.94 -14.26
N THR A 308 15.99 -28.12 -14.84
CA THR A 308 16.96 -29.17 -15.16
C THR A 308 18.01 -28.69 -16.18
N GLY A 309 17.58 -27.90 -17.16
CA GLY A 309 18.42 -27.32 -18.20
C GLY A 309 19.53 -26.46 -17.64
N VAL A 310 19.17 -25.43 -16.85
CA VAL A 310 20.13 -24.50 -16.21
C VAL A 310 21.07 -25.26 -15.25
N ALA A 311 20.53 -26.23 -14.49
CA ALA A 311 21.28 -27.07 -13.55
C ALA A 311 22.37 -27.93 -14.22
N GLY A 312 22.22 -28.14 -15.54
CA GLY A 312 23.17 -28.90 -16.36
C GLY A 312 24.46 -28.17 -16.65
N PHE A 313 24.53 -26.85 -16.38
CA PHE A 313 25.71 -26.01 -16.55
C PHE A 313 26.55 -25.99 -15.25
N THR A 314 26.91 -27.20 -14.75
CA THR A 314 27.64 -27.45 -13.50
C THR A 314 28.87 -26.53 -13.31
N ASN A 315 29.80 -26.51 -14.29
CA ASN A 315 31.03 -25.70 -14.22
C ASN A 315 30.78 -24.19 -14.28
N SER A 316 29.82 -23.76 -15.14
CA SER A 316 29.44 -22.36 -15.31
C SER A 316 28.85 -21.81 -14.00
N LEU A 317 27.96 -22.59 -13.35
CA LEU A 317 27.30 -22.24 -12.09
C LEU A 317 28.31 -22.07 -10.95
N ARG A 318 29.32 -22.95 -10.89
CA ARG A 318 30.38 -22.88 -9.88
C ARG A 318 31.29 -21.66 -10.04
N MET A 319 31.59 -21.26 -11.30
CA MET A 319 32.42 -20.09 -11.60
C MET A 319 31.69 -18.79 -11.31
N LEU A 320 30.34 -18.79 -11.45
CA LEU A 320 29.49 -17.64 -11.15
C LEU A 320 29.44 -17.43 -9.64
N GLN A 321 29.43 -18.54 -8.86
CA GLN A 321 29.45 -18.53 -7.39
C GLN A 321 30.83 -18.10 -6.87
N GLN A 322 31.90 -18.35 -7.66
CA GLN A 322 33.29 -17.98 -7.35
C GLN A 322 33.60 -16.53 -7.77
N LYS A 323 32.63 -15.86 -8.46
CA LYS A 323 32.68 -14.49 -8.98
C LYS A 323 33.66 -14.36 -10.17
N ARG A 324 33.92 -15.48 -10.87
CA ARG A 324 34.77 -15.55 -12.07
C ARG A 324 33.81 -15.49 -13.26
N TRP A 325 33.35 -14.27 -13.58
CA TRP A 325 32.35 -14.00 -14.60
C TRP A 325 32.85 -14.10 -16.05
N ASP A 326 34.11 -13.70 -16.32
CA ASP A 326 34.70 -13.79 -17.67
C ASP A 326 34.87 -15.26 -18.08
N GLU A 327 35.25 -16.11 -17.11
CA GLU A 327 35.46 -17.56 -17.30
C GLU A 327 34.13 -18.30 -17.46
N ALA A 328 33.09 -17.88 -16.69
CA ALA A 328 31.74 -18.47 -16.75
C ALA A 328 31.10 -18.20 -18.13
N ALA A 329 31.37 -17.01 -18.70
CA ALA A 329 30.91 -16.54 -20.02
C ALA A 329 31.39 -17.47 -21.16
N VAL A 330 32.62 -18.01 -21.04
CA VAL A 330 33.23 -18.93 -22.01
C VAL A 330 32.42 -20.23 -22.11
N ASN A 331 32.17 -20.89 -20.96
CA ASN A 331 31.45 -22.16 -20.87
C ASN A 331 29.98 -22.07 -21.29
N LEU A 332 29.32 -20.94 -20.95
CA LEU A 332 27.91 -20.71 -21.29
C LEU A 332 27.68 -20.49 -22.79
N ALA A 333 28.67 -19.88 -23.49
CA ALA A 333 28.59 -19.58 -24.93
C ALA A 333 28.85 -20.81 -25.82
N LYS A 334 29.48 -21.86 -25.26
CA LYS A 334 29.78 -23.09 -25.99
C LYS A 334 28.72 -24.13 -25.63
N SER A 335 27.46 -23.82 -26.00
CA SER A 335 26.29 -24.65 -25.71
C SER A 335 25.26 -24.64 -26.86
N ARG A 336 24.39 -25.67 -26.90
CA ARG A 336 23.29 -25.78 -27.86
C ARG A 336 22.37 -24.55 -27.75
N TRP A 337 22.18 -24.05 -26.51
CA TRP A 337 21.41 -22.85 -26.15
C TRP A 337 21.85 -21.63 -26.95
N TYR A 338 23.17 -21.36 -26.99
CA TYR A 338 23.73 -20.24 -27.75
C TYR A 338 23.49 -20.44 -29.25
N ASN A 339 23.63 -21.68 -29.76
CA ASN A 339 23.44 -21.96 -31.18
C ASN A 339 21.98 -21.76 -31.66
N GLN A 340 21.00 -22.04 -30.76
CA GLN A 340 19.57 -21.91 -31.07
C GLN A 340 19.13 -20.45 -31.03
N THR A 341 19.49 -19.72 -29.95
CA THR A 341 19.14 -18.31 -29.76
C THR A 341 20.41 -17.45 -29.50
N PRO A 342 21.29 -17.20 -30.51
CA PRO A 342 22.53 -16.45 -30.23
C PRO A 342 22.37 -15.02 -29.70
N ASN A 343 21.36 -14.27 -30.19
CA ASN A 343 21.14 -12.89 -29.74
C ASN A 343 20.65 -12.80 -28.30
N ARG A 344 19.70 -13.66 -27.91
CA ARG A 344 19.17 -13.72 -26.54
C ARG A 344 20.26 -14.22 -25.58
N ALA A 345 21.02 -15.28 -25.98
CA ALA A 345 22.10 -15.85 -25.18
C ALA A 345 23.24 -14.87 -24.91
N LYS A 346 23.74 -14.16 -25.96
CA LYS A 346 24.82 -13.18 -25.78
C LYS A 346 24.42 -12.04 -24.81
N ARG A 347 23.15 -11.57 -24.86
CA ARG A 347 22.63 -10.54 -23.96
C ARG A 347 22.60 -11.01 -22.51
N VAL A 348 22.17 -12.28 -22.28
CA VAL A 348 22.13 -12.93 -20.96
C VAL A 348 23.58 -13.09 -20.44
N ILE A 349 24.50 -13.59 -21.31
CA ILE A 349 25.92 -13.81 -20.98
C ILE A 349 26.61 -12.50 -20.57
N THR A 350 26.43 -11.42 -21.37
CA THR A 350 26.99 -10.09 -21.08
C THR A 350 26.52 -9.61 -19.70
N THR A 351 25.23 -9.82 -19.37
CA THR A 351 24.62 -9.47 -18.08
C THR A 351 25.33 -10.19 -16.93
N PHE A 352 25.67 -11.48 -17.12
CA PHE A 352 26.41 -12.28 -16.12
C PHE A 352 27.85 -11.78 -15.99
N ARG A 353 28.41 -11.25 -17.09
CA ARG A 353 29.78 -10.76 -17.16
C ARG A 353 29.97 -9.37 -16.54
N THR A 354 29.01 -8.44 -16.76
CA THR A 354 29.10 -7.05 -16.29
C THR A 354 28.33 -6.74 -14.99
N GLY A 355 27.19 -7.41 -14.80
CA GLY A 355 26.33 -7.19 -13.64
C GLY A 355 25.55 -5.88 -13.73
N THR A 356 25.36 -5.38 -14.97
CA THR A 356 24.64 -4.15 -15.30
C THR A 356 23.69 -4.42 -16.47
N TRP A 357 22.77 -3.48 -16.73
CA TRP A 357 21.83 -3.57 -17.84
C TRP A 357 22.41 -2.84 -19.07
N ASP A 358 23.53 -3.34 -19.60
CA ASP A 358 24.19 -2.74 -20.76
C ASP A 358 23.76 -3.37 -22.09
N ALA A 359 23.34 -4.65 -22.05
CA ALA A 359 22.88 -5.39 -23.24
C ALA A 359 21.48 -4.92 -23.68
N TYR A 360 20.71 -4.34 -22.75
CA TYR A 360 19.37 -3.79 -22.99
C TYR A 360 19.38 -2.34 -22.52
N THR A 361 18.61 -1.47 -23.20
CA THR A 361 18.49 -0.07 -22.76
C THR A 361 17.23 -0.01 -21.92
N PHE A 362 17.38 0.10 -20.59
CA PHE A 362 16.25 0.05 -19.68
C PHE A 362 15.69 1.39 -19.26
N SER A 363 14.36 1.47 -19.23
CA SER A 363 13.62 2.65 -18.80
C SER A 363 13.62 2.73 -17.27
N LEU A 364 13.32 3.93 -16.72
CA LEU A 364 13.22 4.14 -15.27
C LEU A 364 11.99 3.38 -14.76
N VAL A 365 11.92 3.14 -13.44
CA VAL A 365 10.79 2.44 -12.84
C VAL A 365 9.51 3.29 -12.93
N LYS A 366 8.53 2.81 -13.72
CA LYS A 366 7.23 3.45 -13.89
C LYS A 366 6.43 3.15 -12.63
N GLU A 367 6.15 4.18 -11.83
CA GLU A 367 5.42 4.03 -10.58
C GLU A 367 3.93 3.93 -10.86
N LYS A 368 3.33 2.79 -10.54
CA LYS A 368 1.91 2.53 -10.78
C LYS A 368 1.04 3.30 -9.78
N ALA A 369 -0.25 3.50 -10.12
CA ALA A 369 -1.24 4.22 -9.29
C ALA A 369 -1.23 3.77 -7.83
N ALA A 370 -1.09 2.45 -7.59
CA ALA A 370 -1.05 1.82 -6.27
C ALA A 370 0.12 2.32 -5.40
N LEU A 371 1.34 2.35 -5.98
CA LEU A 371 2.57 2.80 -5.34
C LEU A 371 2.53 4.32 -5.06
N ARG A 372 2.00 5.08 -6.03
CA ARG A 372 1.84 6.54 -6.01
C ARG A 372 0.88 6.99 -4.90
N THR A 373 -0.31 6.34 -4.79
CA THR A 373 -1.35 6.61 -3.78
C THR A 373 -0.81 6.33 -2.38
N LEU A 374 -0.01 5.23 -2.24
CA LEU A 374 0.61 4.82 -0.97
C LEU A 374 1.53 5.91 -0.39
N SER A 375 2.43 6.48 -1.21
CA SER A 375 3.31 7.55 -0.74
C SER A 375 2.53 8.83 -0.48
N ALA A 376 1.47 9.12 -1.26
CA ALA A 376 0.61 10.29 -1.09
C ALA A 376 -0.12 10.26 0.27
N ILE A 377 -0.79 9.13 0.59
CA ILE A 377 -1.53 8.98 1.85
C ILE A 377 -0.56 8.97 3.06
N LEU A 378 0.65 8.40 2.89
CA LEU A 378 1.67 8.35 3.93
C LEU A 378 2.25 9.76 4.16
N LEU A 379 2.56 10.52 3.07
CA LEU A 379 3.05 11.90 3.19
C LEU A 379 1.96 12.82 3.77
N ALA A 380 0.66 12.52 3.51
CA ALA A 380 -0.49 13.28 4.02
C ALA A 380 -0.63 13.08 5.53
N PHE A 381 -0.40 11.84 6.01
CA PHE A 381 -0.46 11.49 7.44
C PHE A 381 0.65 12.22 8.21
N ILE A 382 1.91 12.14 7.71
CA ILE A 382 3.07 12.81 8.28
C ILE A 382 2.82 14.33 8.33
N LEU A 383 2.43 14.94 7.20
CA LEU A 383 2.19 16.39 7.08
C LEU A 383 1.20 16.95 8.12
N THR A 384 0.02 16.36 8.20
CA THR A 384 -1.07 16.80 9.07
C THR A 384 -0.89 16.49 10.56
N TRP A 385 -0.34 15.30 10.90
CA TRP A 385 -0.16 14.86 12.29
C TRP A 385 1.16 15.31 12.95
N THR A 386 2.18 15.74 12.16
CA THR A 386 3.47 16.21 12.69
C THR A 386 3.31 17.38 13.70
N PRO A 387 2.56 18.49 13.43
CA PRO A 387 2.49 19.59 14.41
C PRO A 387 2.04 19.20 15.83
N TYR A 388 0.99 18.37 15.96
CA TYR A 388 0.49 17.91 17.27
C TYR A 388 1.50 17.01 18.00
N ASN A 389 2.13 16.08 17.27
CA ASN A 389 3.09 15.13 17.84
C ASN A 389 4.41 15.79 18.23
N ILE A 390 4.79 16.90 17.59
CA ILE A 390 5.97 17.67 17.95
C ILE A 390 5.63 18.45 19.24
N MET A 391 4.37 18.95 19.36
CA MET A 391 3.87 19.67 20.54
C MET A 391 3.89 18.76 21.77
N VAL A 392 3.58 17.46 21.59
CA VAL A 392 3.63 16.45 22.66
C VAL A 392 5.11 16.25 23.07
N LEU A 393 6.02 16.19 22.09
CA LEU A 393 7.46 16.05 22.31
C LEU A 393 8.01 17.24 23.11
N VAL A 394 7.64 18.49 22.73
CA VAL A 394 8.02 19.74 23.41
C VAL A 394 7.59 19.70 24.90
N SER A 395 6.35 19.27 25.16
CA SER A 395 5.74 19.14 26.48
C SER A 395 6.52 18.28 27.48
N THR A 396 7.24 17.25 26.98
CA THR A 396 8.06 16.36 27.82
C THR A 396 9.31 17.06 28.35
N PHE A 397 9.89 17.99 27.55
CA PHE A 397 11.09 18.75 27.92
C PHE A 397 10.74 19.91 28.86
N CYS A 398 9.70 20.69 28.51
CA CYS A 398 9.25 21.80 29.35
C CYS A 398 7.74 21.83 29.50
N LYS A 399 7.29 21.65 30.76
CA LYS A 399 5.92 21.51 31.27
C LYS A 399 4.81 22.25 30.50
N ASP A 400 4.76 23.60 30.57
CA ASP A 400 3.70 24.38 29.94
C ASP A 400 4.19 25.32 28.81
N CYS A 401 5.17 24.87 28.02
CA CYS A 401 5.70 25.63 26.88
C CYS A 401 4.68 25.76 25.76
N VAL A 402 3.82 24.74 25.58
CA VAL A 402 2.81 24.74 24.52
C VAL A 402 1.51 25.43 25.00
N PRO A 403 1.16 26.60 24.41
CA PRO A 403 -0.06 27.29 24.84
C PRO A 403 -1.32 26.61 24.28
N GLU A 404 -2.47 26.81 24.94
CA GLU A 404 -3.79 26.27 24.56
C GLU A 404 -4.14 26.53 23.09
N THR A 405 -3.87 27.74 22.56
CA THR A 405 -4.15 28.14 21.17
C THR A 405 -3.42 27.21 20.18
N LEU A 406 -2.16 26.87 20.49
CA LEU A 406 -1.36 26.00 19.64
C LEU A 406 -1.83 24.56 19.62
N TRP A 407 -2.32 24.04 20.77
CA TRP A 407 -2.89 22.69 20.86
C TRP A 407 -4.11 22.60 19.96
N GLU A 408 -4.92 23.68 19.95
CA GLU A 408 -6.14 23.81 19.15
C GLU A 408 -5.84 23.78 17.65
N LEU A 409 -4.79 24.49 17.22
CA LEU A 409 -4.35 24.54 15.83
C LEU A 409 -3.73 23.20 15.41
N GLY A 410 -3.02 22.56 16.33
CA GLY A 410 -2.43 21.24 16.13
C GLY A 410 -3.50 20.17 15.93
N TYR A 411 -4.62 20.30 16.67
CA TYR A 411 -5.79 19.41 16.59
C TYR A 411 -6.52 19.60 15.26
N TRP A 412 -6.65 20.87 14.81
CA TRP A 412 -7.30 21.21 13.53
C TRP A 412 -6.51 20.67 12.34
N LEU A 413 -5.16 20.86 12.35
CA LEU A 413 -4.23 20.36 11.33
C LEU A 413 -4.31 18.82 11.24
N CYS A 414 -4.43 18.17 12.40
CA CYS A 414 -4.57 16.72 12.57
C CYS A 414 -5.85 16.22 11.84
N TYR A 415 -6.97 16.96 12.00
CA TYR A 415 -8.26 16.67 11.38
C TYR A 415 -8.23 16.86 9.86
N VAL A 416 -7.31 17.71 9.36
CA VAL A 416 -7.14 18.00 7.93
C VAL A 416 -6.72 16.72 7.15
N ASN A 417 -6.15 15.69 7.84
CA ASN A 417 -5.79 14.42 7.19
C ASN A 417 -7.04 13.79 6.55
N ALA A 418 -8.19 13.85 7.25
CA ALA A 418 -9.49 13.36 6.81
C ALA A 418 -10.00 14.07 5.55
N THR A 419 -9.62 15.34 5.36
CA THR A 419 -10.01 16.19 4.23
C THR A 419 -9.15 15.92 2.99
N ILE A 420 -7.82 15.79 3.15
CA ILE A 420 -6.92 15.63 2.02
C ILE A 420 -6.74 14.16 1.59
N ASN A 421 -7.10 13.19 2.45
CA ASN A 421 -6.99 11.76 2.12
C ASN A 421 -7.80 11.37 0.85
N PRO A 422 -9.10 11.75 0.67
CA PRO A 422 -9.80 11.44 -0.60
C PRO A 422 -9.23 12.18 -1.81
N MET A 423 -8.58 13.35 -1.57
CA MET A 423 -7.93 14.17 -2.60
C MET A 423 -6.71 13.44 -3.16
N CYS A 424 -6.01 12.64 -2.32
CA CYS A 424 -4.84 11.83 -2.69
C CYS A 424 -5.26 10.73 -3.67
N TYR A 425 -6.41 10.07 -3.43
CA TYR A 425 -6.94 9.03 -4.31
C TYR A 425 -7.34 9.62 -5.66
N ALA A 426 -7.99 10.81 -5.66
CA ALA A 426 -8.39 11.52 -6.86
C ALA A 426 -7.18 11.95 -7.72
N LEU A 427 -6.09 12.44 -7.09
CA LEU A 427 -4.85 12.88 -7.75
C LEU A 427 -4.01 11.77 -8.38
N CYS A 428 -3.91 10.61 -7.71
CA CYS A 428 -3.08 9.48 -8.14
C CYS A 428 -3.81 8.43 -8.97
N ASN A 429 -5.11 8.21 -8.71
CA ASN A 429 -5.91 7.19 -9.38
C ASN A 429 -6.94 7.78 -10.34
N LYS A 430 -6.73 7.57 -11.67
CA LYS A 430 -7.62 8.07 -12.72
C LYS A 430 -9.08 7.58 -12.58
N ALA A 431 -9.26 6.30 -12.21
CA ALA A 431 -10.58 5.69 -12.03
C ALA A 431 -11.37 6.35 -10.90
N PHE A 432 -10.68 6.83 -9.83
CA PHE A 432 -11.33 7.54 -8.71
C PHE A 432 -11.76 8.94 -9.13
N ARG A 433 -10.85 9.70 -9.79
CA ARG A 433 -11.06 11.06 -10.30
C ARG A 433 -12.29 11.16 -11.22
N ASP A 434 -12.45 10.18 -12.14
CA ASP A 434 -13.58 10.14 -13.08
C ASP A 434 -14.90 9.82 -12.37
N THR A 435 -14.88 8.87 -11.40
CA THR A 435 -16.09 8.50 -10.64
C THR A 435 -16.52 9.64 -9.73
N PHE A 436 -15.57 10.39 -9.14
CA PHE A 436 -15.83 11.55 -8.27
C PHE A 436 -16.58 12.63 -9.08
N ARG A 437 -16.04 12.95 -10.28
CA ARG A 437 -16.59 13.93 -11.22
C ARG A 437 -17.96 13.50 -11.75
N LEU A 438 -18.17 12.18 -11.97
CA LEU A 438 -19.44 11.62 -12.43
C LEU A 438 -20.53 11.76 -11.35
N LEU A 439 -20.21 11.44 -10.09
CA LEU A 439 -21.14 11.54 -8.96
C LEU A 439 -21.54 12.99 -8.65
N LEU A 440 -20.58 13.94 -8.76
CA LEU A 440 -20.79 15.36 -8.50
C LEU A 440 -21.64 16.04 -9.58
N LEU A 441 -21.39 15.72 -10.87
CA LEU A 441 -22.15 16.29 -12.00
C LEU A 441 -23.60 15.80 -12.03
N ALA A 442 -23.83 14.54 -11.57
CA ALA A 442 -25.14 13.91 -11.51
C ALA A 442 -25.99 14.54 -10.39
N ARG A 443 -25.34 14.97 -9.30
CA ARG A 443 -25.98 15.62 -8.16
C ARG A 443 -26.41 17.05 -8.49
N TRP A 444 -25.68 17.71 -9.41
CA TRP A 444 -25.97 19.07 -9.87
C TRP A 444 -27.11 19.08 -10.91
N ASP A 445 -27.22 18.00 -11.70
CA ASP A 445 -28.27 17.83 -12.73
C ASP A 445 -28.93 16.43 -12.59
N HIS A 446 -30.03 16.28 -11.81
CA HIS A 446 -30.77 17.31 -11.06
C HIS A 446 -30.08 17.67 -9.74
#